data_2OGT
#
_entry.id   2OGT
#
_cell.length_a   69.361
_cell.length_b   74.430
_cell.length_c   98.606
_cell.angle_alpha   90.00
_cell.angle_beta   90.00
_cell.angle_gamma   90.00
#
_symmetry.space_group_name_H-M   'P 21 21 21'
#
loop_
_entity.id
_entity.type
_entity.pdbx_description
1 polymer 'Thermostable carboxylesterase Est50'
2 non-polymer 'IODIDE ION'
3 non-polymer GLYCEROL
4 water water
#
_entity_poly.entity_id   1
_entity_poly.type   'polypeptide(L)'
_entity_poly.pdbx_seq_one_letter_code
;MERTVVETRYGRLRGEMNEGVFVWKGIPYAKAPVGERRFLPPEPPDAWDGVREATSFGPVVMQPSDPIFSGLLGRMSEAP
SEDGLYLNIWSPAADGKKRPVLFWIHGGAFLFGSGSSPWYDGTAFAKHGDVVVVTINYRMNVFGFLHLGDSFGEAYAQAG
NLGILDQVAALRWVKENIAAFGGDPDNITIFGESAGAASVGVLLSLPEASGLFRRAMLQSGSGSLLLRSPETAMAMTERI
LDKAGIRPGDRERLLSIPAEELLRAALSLGPGVMYGPVVDGRVLRRHPIEALRYGAASGIPILIGVTKDEYNLFTLTDPS
WTKLGEKELLDRINREVGPVPEEAIRYYKETAEPSAPTWQTWLRIMTYRVFVEGMLRTADAQAAQGADVYMYRFDYETPV
FGGQLKACHALELPFVFHNLHQPGVANFVGNRPEREAIANEMHYAWLSFARTGDPNGAHLPEAWPAYTNERKAAFVFSAA
SHVEDDPFGRERAAWQGR
;
_entity_poly.pdbx_strand_id   A
#
loop_
_chem_comp.id
_chem_comp.type
_chem_comp.name
_chem_comp.formula
GOL non-polymer GLYCEROL 'C3 H8 O3'
IOD non-polymer 'IODIDE ION' 'I -1'
#
# COMPACT_ATOMS: atom_id res chain seq x y z
N ARG A 3 -13.10 -24.90 -16.73
CA ARG A 3 -11.91 -24.07 -16.67
C ARG A 3 -12.08 -23.05 -15.54
N THR A 4 -13.33 -22.92 -15.06
CA THR A 4 -13.54 -21.88 -14.08
C THR A 4 -13.39 -22.41 -12.66
N VAL A 5 -13.36 -23.73 -12.51
CA VAL A 5 -13.35 -24.28 -11.14
C VAL A 5 -11.93 -24.70 -10.78
N VAL A 6 -11.44 -24.18 -9.65
CA VAL A 6 -10.06 -24.47 -9.29
C VAL A 6 -10.02 -25.10 -7.92
N GLU A 7 -9.16 -26.07 -7.62
CA GLU A 7 -9.22 -26.60 -6.25
C GLU A 7 -8.12 -25.94 -5.44
N THR A 8 -8.45 -25.58 -4.20
CA THR A 8 -7.46 -24.99 -3.30
C THR A 8 -7.33 -25.86 -2.06
N ARG A 9 -6.45 -25.52 -1.11
CA ARG A 9 -6.32 -26.35 0.09
C ARG A 9 -7.61 -26.34 0.91
N TYR A 10 -8.42 -25.31 0.68
CA TYR A 10 -9.67 -25.19 1.41
C TYR A 10 -10.86 -25.69 0.62
N GLY A 11 -10.72 -26.10 -0.63
CA GLY A 11 -11.93 -26.51 -1.38
C GLY A 11 -11.90 -25.83 -2.74
N ARG A 12 -12.86 -26.20 -3.58
CA ARG A 12 -13.01 -25.72 -4.96
C ARG A 12 -13.74 -24.38 -5.00
N LEU A 13 -13.33 -23.55 -5.95
CA LEU A 13 -13.93 -22.25 -6.14
C LEU A 13 -14.33 -22.06 -7.60
N ARG A 14 -15.49 -21.49 -7.87
CA ARG A 14 -15.95 -21.22 -9.23
C ARG A 14 -15.85 -19.73 -9.56
N GLY A 15 -15.04 -19.42 -10.58
CA GLY A 15 -14.90 -18.06 -11.06
C GLY A 15 -15.68 -17.89 -12.34
N GLU A 16 -15.31 -16.86 -13.09
CA GLU A 16 -15.95 -16.52 -14.35
C GLU A 16 -14.91 -16.09 -15.39
N MET A 17 -15.26 -16.17 -16.65
CA MET A 17 -14.53 -15.64 -17.79
C MET A 17 -14.89 -14.16 -17.95
N ASN A 18 -13.92 -13.31 -18.23
CA ASN A 18 -14.21 -11.87 -18.37
C ASN A 18 -13.21 -11.23 -19.32
N GLU A 19 -13.61 -10.66 -20.45
CA GLU A 19 -12.64 -10.09 -21.39
C GLU A 19 -11.54 -11.09 -21.74
N GLY A 20 -11.81 -12.38 -21.88
CA GLY A 20 -10.81 -13.34 -22.29
C GLY A 20 -9.85 -13.75 -21.18
N VAL A 21 -10.10 -13.30 -19.95
CA VAL A 21 -9.32 -13.74 -18.81
C VAL A 21 -10.30 -14.34 -17.79
N PHE A 22 -9.77 -15.02 -16.76
CA PHE A 22 -10.54 -15.62 -15.69
C PHE A 22 -10.44 -14.75 -14.45
N VAL A 23 -11.55 -14.65 -13.70
CA VAL A 23 -11.56 -13.93 -12.44
C VAL A 23 -12.29 -14.73 -11.38
N TRP A 24 -11.70 -14.75 -10.18
CA TRP A 24 -12.29 -15.32 -8.96
C TRP A 24 -12.41 -14.18 -7.94
N LYS A 25 -13.60 -13.95 -7.44
CA LYS A 25 -13.87 -12.82 -6.56
C LYS A 25 -14.33 -13.28 -5.19
N GLY A 26 -13.96 -12.53 -4.15
CA GLY A 26 -14.45 -12.78 -2.81
C GLY A 26 -13.98 -14.09 -2.23
N ILE A 27 -12.69 -14.37 -2.39
CA ILE A 27 -12.19 -15.61 -1.76
C ILE A 27 -11.79 -15.36 -0.32
N PRO A 28 -12.28 -16.12 0.66
CA PRO A 28 -11.93 -15.82 2.06
C PRO A 28 -10.51 -16.26 2.35
N TYR A 29 -9.63 -15.39 2.85
CA TYR A 29 -8.25 -15.89 3.05
C TYR A 29 -8.00 -16.13 4.52
N ALA A 30 -8.95 -15.79 5.36
CA ALA A 30 -8.85 -15.92 6.81
C ALA A 30 -10.25 -16.07 7.41
N LYS A 31 -10.30 -16.61 8.62
CA LYS A 31 -11.57 -16.69 9.34
C LYS A 31 -12.07 -15.29 9.64
N ALA A 32 -13.38 -15.06 9.51
CA ALA A 32 -13.90 -13.71 9.70
C ALA A 32 -13.58 -13.18 11.10
N PRO A 33 -12.96 -12.02 11.25
CA PRO A 33 -12.59 -11.52 12.58
C PRO A 33 -13.72 -10.79 13.31
N VAL A 34 -14.78 -11.57 13.55
CA VAL A 34 -15.99 -11.07 14.16
C VAL A 34 -16.23 -11.72 15.51
N GLY A 35 -17.11 -11.13 16.32
CA GLY A 35 -17.45 -11.72 17.61
C GLY A 35 -16.23 -11.91 18.49
N GLU A 36 -15.96 -13.11 19.00
CA GLU A 36 -14.76 -13.34 19.82
C GLU A 36 -13.44 -13.26 19.07
N ARG A 37 -13.41 -13.10 17.74
CA ARG A 37 -12.18 -13.00 16.96
C ARG A 37 -11.86 -11.55 16.65
N ARG A 38 -12.71 -10.62 17.10
CA ARG A 38 -12.47 -9.19 16.93
C ARG A 38 -11.17 -8.81 17.65
N PHE A 39 -10.33 -7.96 17.08
CA PHE A 39 -9.03 -7.54 17.57
C PHE A 39 -8.02 -8.68 17.74
N LEU A 40 -8.23 -9.84 17.14
CA LEU A 40 -7.22 -10.93 17.20
C LEU A 40 -6.59 -11.13 15.83
N PRO A 41 -5.35 -11.62 15.80
CA PRO A 41 -4.70 -11.87 14.52
C PRO A 41 -5.54 -12.82 13.66
N PRO A 42 -5.34 -12.73 12.36
CA PRO A 42 -6.14 -13.55 11.45
C PRO A 42 -5.82 -15.02 11.56
N GLU A 43 -6.81 -15.88 11.50
CA GLU A 43 -6.60 -17.30 11.57
C GLU A 43 -6.96 -17.90 10.22
N PRO A 44 -6.41 -19.06 9.87
CA PRO A 44 -6.75 -19.67 8.58
C PRO A 44 -8.26 -19.85 8.40
N PRO A 45 -8.68 -19.77 7.15
CA PRO A 45 -10.11 -19.91 6.81
C PRO A 45 -10.57 -21.36 6.98
N ASP A 46 -11.86 -21.53 7.22
CA ASP A 46 -12.46 -22.86 7.31
C ASP A 46 -12.53 -23.45 5.90
N ALA A 47 -12.32 -24.74 5.81
CA ALA A 47 -12.48 -25.49 4.57
C ALA A 47 -13.97 -25.71 4.28
N TRP A 48 -14.32 -26.00 3.03
CA TRP A 48 -15.73 -26.29 2.74
C TRP A 48 -15.80 -27.51 1.84
N ASP A 49 -16.95 -28.18 1.76
CA ASP A 49 -17.17 -29.22 0.78
C ASP A 49 -17.95 -28.60 -0.38
N GLY A 50 -17.98 -29.26 -1.53
CA GLY A 50 -18.60 -28.72 -2.73
C GLY A 50 -17.83 -27.59 -3.40
N VAL A 51 -18.47 -26.97 -4.38
CA VAL A 51 -17.85 -25.88 -5.14
C VAL A 51 -18.37 -24.52 -4.70
N ARG A 52 -17.51 -23.70 -4.11
CA ARG A 52 -17.90 -22.42 -3.57
C ARG A 52 -17.90 -21.34 -4.65
N GLU A 53 -18.98 -20.59 -4.78
CA GLU A 53 -19.04 -19.53 -5.77
C GLU A 53 -18.03 -18.44 -5.44
N ALA A 54 -17.38 -17.94 -6.48
CA ALA A 54 -16.43 -16.85 -6.35
C ALA A 54 -16.68 -15.89 -7.51
N THR A 55 -17.95 -15.48 -7.67
CA THR A 55 -18.26 -14.60 -8.79
C THR A 55 -18.78 -13.24 -8.34
N SER A 56 -18.89 -12.94 -7.08
CA SER A 56 -19.21 -11.65 -6.46
C SER A 56 -18.15 -11.24 -5.45
N PHE A 57 -17.82 -9.95 -5.43
CA PHE A 57 -16.88 -9.51 -4.41
C PHE A 57 -17.44 -9.73 -3.03
N GLY A 58 -16.57 -9.97 -2.04
CA GLY A 58 -17.06 -9.96 -0.66
C GLY A 58 -17.21 -8.52 -0.18
N PRO A 59 -17.78 -8.36 1.02
CA PRO A 59 -17.92 -7.06 1.62
C PRO A 59 -16.57 -6.38 1.85
N VAL A 60 -16.57 -5.06 1.83
CA VAL A 60 -15.35 -4.36 2.23
C VAL A 60 -15.28 -4.30 3.75
N VAL A 61 -14.08 -4.08 4.30
CA VAL A 61 -13.98 -4.00 5.76
C VAL A 61 -14.65 -2.74 6.27
N MET A 62 -14.94 -2.70 7.56
CA MET A 62 -15.61 -1.53 8.15
C MET A 62 -14.87 -0.23 7.87
N GLN A 63 -15.62 0.78 7.42
CA GLN A 63 -15.00 2.04 7.00
C GLN A 63 -16.07 3.11 6.82
N PRO A 64 -15.74 4.41 6.77
CA PRO A 64 -16.76 5.43 6.77
C PRO A 64 -17.75 5.14 5.63
N SER A 65 -17.19 4.67 4.52
CA SER A 65 -17.90 4.37 3.29
C SER A 65 -19.31 3.82 3.52
N PRO A 80 -20.38 -2.24 4.17
CA PRO A 80 -19.13 -2.71 4.78
C PRO A 80 -19.40 -3.60 5.98
N SER A 81 -18.44 -4.46 6.30
CA SER A 81 -18.66 -5.43 7.35
C SER A 81 -17.35 -5.78 8.05
N GLU A 82 -17.39 -6.17 9.33
CA GLU A 82 -16.17 -6.70 9.94
C GLU A 82 -15.74 -7.98 9.23
N ASP A 83 -16.72 -8.64 8.62
CA ASP A 83 -16.41 -9.86 7.83
C ASP A 83 -15.97 -9.42 6.43
N GLY A 84 -14.72 -9.05 6.27
CA GLY A 84 -14.31 -8.49 4.98
C GLY A 84 -12.94 -8.98 4.54
N LEU A 85 -12.45 -10.08 5.11
CA LEU A 85 -11.10 -10.53 4.70
C LEU A 85 -11.19 -11.46 3.49
N TYR A 86 -11.20 -10.83 2.33
CA TYR A 86 -11.35 -11.46 1.02
C TYR A 86 -10.28 -10.99 0.06
N LEU A 87 -9.99 -11.83 -0.93
CA LEU A 87 -9.07 -11.48 -1.99
C LEU A 87 -9.70 -11.97 -3.30
N ASN A 88 -9.13 -11.41 -4.36
CA ASN A 88 -9.61 -11.54 -5.73
C ASN A 88 -8.43 -11.84 -6.65
N ILE A 89 -8.69 -12.71 -7.64
CA ILE A 89 -7.64 -13.19 -8.53
C ILE A 89 -8.01 -13.07 -9.98
N TRP A 90 -7.15 -12.49 -10.81
CA TRP A 90 -7.32 -12.50 -12.27
C TRP A 90 -6.21 -13.35 -12.89
N SER A 91 -6.51 -14.21 -13.84
CA SER A 91 -5.47 -15.04 -14.46
C SER A 91 -5.85 -15.35 -15.90
N PRO A 92 -4.90 -15.37 -16.83
CA PRO A 92 -5.20 -15.80 -18.20
C PRO A 92 -5.76 -17.22 -18.26
N ALA A 93 -5.36 -18.05 -17.29
CA ALA A 93 -5.74 -19.47 -17.28
C ALA A 93 -5.30 -20.17 -16.00
N ALA A 94 -6.22 -20.91 -15.41
CA ALA A 94 -5.88 -21.77 -14.27
C ALA A 94 -5.23 -23.04 -14.80
N ASP A 95 -3.93 -22.97 -15.00
CA ASP A 95 -3.18 -24.14 -15.43
C ASP A 95 -1.92 -24.25 -14.59
N GLY A 96 -0.93 -25.03 -15.04
CA GLY A 96 0.31 -25.03 -14.25
C GLY A 96 1.41 -24.23 -14.88
N LYS A 97 1.19 -23.02 -15.41
CA LYS A 97 2.29 -22.40 -16.17
C LYS A 97 3.17 -21.41 -15.44
N LYS A 98 3.13 -21.27 -14.14
CA LYS A 98 4.07 -20.43 -13.37
C LYS A 98 4.26 -19.02 -13.87
N ARG A 99 3.20 -18.25 -14.03
CA ARG A 99 3.25 -16.85 -14.40
C ARG A 99 3.66 -15.98 -13.22
N PRO A 100 4.25 -14.81 -13.49
CA PRO A 100 4.51 -13.85 -12.42
C PRO A 100 3.18 -13.50 -11.71
N VAL A 101 3.26 -13.23 -10.42
CA VAL A 101 2.07 -12.87 -9.61
C VAL A 101 2.23 -11.48 -9.05
N LEU A 102 1.27 -10.59 -9.35
CA LEU A 102 1.29 -9.21 -8.85
C LEU A 102 0.31 -9.15 -7.69
N PHE A 103 0.78 -8.86 -6.51
CA PHE A 103 -0.05 -8.83 -5.28
C PHE A 103 -0.23 -7.38 -4.83
N TRP A 104 -1.43 -6.83 -5.01
CA TRP A 104 -1.68 -5.40 -4.80
C TRP A 104 -2.25 -5.09 -3.44
N ILE A 105 -1.70 -4.14 -2.74
CA ILE A 105 -2.20 -3.65 -1.46
C ILE A 105 -2.66 -2.21 -1.61
N HIS A 106 -3.97 -2.02 -1.50
CA HIS A 106 -4.53 -0.68 -1.80
C HIS A 106 -4.14 0.31 -0.71
N GLY A 107 -4.29 1.59 -1.04
CA GLY A 107 -4.06 2.71 -0.16
C GLY A 107 -5.35 3.23 0.43
N GLY A 108 -5.38 4.46 0.96
CA GLY A 108 -6.56 4.92 1.64
C GLY A 108 -6.29 5.29 3.10
N ALA A 109 -5.03 5.60 3.41
CA ALA A 109 -4.61 6.14 4.69
C ALA A 109 -4.93 5.24 5.87
N PHE A 110 -5.02 3.96 5.58
CA PHE A 110 -5.33 2.97 6.65
C PHE A 110 -6.69 3.25 7.29
N LEU A 111 -7.53 3.93 6.50
CA LEU A 111 -8.89 4.31 6.87
C LEU A 111 -9.96 3.71 5.95
N PHE A 112 -9.78 3.88 4.63
CA PHE A 112 -10.80 3.38 3.71
C PHE A 112 -10.19 2.65 2.51
N GLY A 113 -11.06 2.04 1.72
CA GLY A 113 -10.67 1.41 0.48
C GLY A 113 -10.97 -0.08 0.45
N SER A 114 -10.59 -0.70 -0.66
CA SER A 114 -10.79 -2.12 -0.84
C SER A 114 -10.10 -2.63 -2.10
N GLY A 115 -9.79 -3.93 -2.10
CA GLY A 115 -9.23 -4.55 -3.28
C GLY A 115 -10.27 -4.73 -4.38
N SER A 116 -11.53 -4.55 -4.06
CA SER A 116 -12.61 -4.71 -5.06
C SER A 116 -12.95 -3.43 -5.78
N SER A 117 -12.27 -2.34 -5.49
CA SER A 117 -12.46 -1.11 -6.25
C SER A 117 -12.21 -1.32 -7.75
N PRO A 118 -13.06 -0.79 -8.63
CA PRO A 118 -12.85 -0.99 -10.06
C PRO A 118 -11.51 -0.40 -10.49
N TRP A 119 -10.97 0.58 -9.79
CA TRP A 119 -9.65 1.17 -10.05
C TRP A 119 -8.51 0.15 -10.08
N TYR A 120 -8.67 -0.94 -9.35
CA TYR A 120 -7.63 -1.96 -9.25
C TYR A 120 -7.94 -3.24 -10.02
N ASP A 121 -8.94 -3.18 -10.90
CA ASP A 121 -9.32 -4.34 -11.69
C ASP A 121 -8.11 -4.91 -12.42
N GLY A 122 -7.86 -6.20 -12.26
CA GLY A 122 -6.63 -6.81 -12.75
C GLY A 122 -6.64 -7.30 -14.17
N THR A 123 -7.73 -7.05 -14.89
CA THR A 123 -7.94 -7.59 -16.23
C THR A 123 -6.81 -7.15 -17.17
N ALA A 124 -6.57 -5.84 -17.18
CA ALA A 124 -5.58 -5.31 -18.12
C ALA A 124 -4.17 -5.87 -17.85
N PHE A 125 -3.71 -5.90 -16.62
CA PHE A 125 -2.45 -6.57 -16.29
C PHE A 125 -2.42 -8.01 -16.79
N ALA A 126 -3.46 -8.75 -16.46
CA ALA A 126 -3.45 -10.18 -16.79
C ALA A 126 -3.40 -10.41 -18.29
N LYS A 127 -4.16 -9.63 -19.04
CA LYS A 127 -4.25 -9.74 -20.48
C LYS A 127 -2.95 -9.30 -21.17
N HIS A 128 -2.40 -8.14 -20.78
CA HIS A 128 -1.28 -7.54 -21.48
C HIS A 128 0.05 -8.15 -21.05
N GLY A 129 0.08 -8.78 -19.90
CA GLY A 129 1.37 -9.21 -19.37
C GLY A 129 1.48 -10.70 -19.20
N ASP A 130 0.35 -11.41 -19.36
CA ASP A 130 0.38 -12.86 -19.09
C ASP A 130 0.90 -13.09 -17.67
N VAL A 131 0.19 -12.46 -16.74
CA VAL A 131 0.46 -12.52 -15.32
C VAL A 131 -0.84 -12.79 -14.56
N VAL A 132 -0.65 -13.19 -13.30
CA VAL A 132 -1.74 -13.35 -12.34
C VAL A 132 -1.76 -12.12 -11.43
N VAL A 133 -2.94 -11.57 -11.17
CA VAL A 133 -3.06 -10.42 -10.30
C VAL A 133 -3.91 -10.79 -9.10
N VAL A 134 -3.49 -10.38 -7.91
CA VAL A 134 -4.25 -10.60 -6.71
C VAL A 134 -4.48 -9.24 -6.05
N THR A 135 -5.76 -8.99 -5.66
CA THR A 135 -6.02 -7.77 -4.89
C THR A 135 -6.69 -8.24 -3.59
N ILE A 136 -6.44 -7.51 -2.52
CA ILE A 136 -6.90 -7.92 -1.20
C ILE A 136 -7.64 -6.83 -0.43
N ASN A 137 -8.42 -7.24 0.57
CA ASN A 137 -8.88 -6.40 1.66
C ASN A 137 -8.00 -6.73 2.90
N TYR A 138 -7.88 -5.77 3.80
CA TYR A 138 -7.21 -5.96 5.10
C TYR A 138 -7.89 -5.07 6.13
N ARG A 139 -7.91 -5.36 7.42
CA ARG A 139 -8.59 -4.52 8.39
C ARG A 139 -7.95 -3.15 8.47
N MET A 140 -8.79 -2.11 8.65
CA MET A 140 -8.34 -0.74 8.67
C MET A 140 -8.89 -0.01 9.89
N ASN A 141 -8.47 1.24 10.05
CA ASN A 141 -8.94 2.17 11.07
C ASN A 141 -9.04 1.46 12.42
N VAL A 142 -10.15 1.59 13.13
CA VAL A 142 -10.15 1.11 14.53
C VAL A 142 -10.21 -0.40 14.63
N PHE A 143 -10.46 -1.11 13.51
CA PHE A 143 -10.51 -2.55 13.60
C PHE A 143 -9.17 -3.18 13.31
N GLY A 144 -8.29 -2.47 12.59
CA GLY A 144 -7.02 -3.02 12.14
C GLY A 144 -5.84 -2.35 12.82
N PHE A 145 -6.00 -1.15 13.40
CA PHE A 145 -4.86 -0.39 13.92
C PHE A 145 -5.19 0.28 15.25
N LEU A 146 -5.96 -0.41 16.10
CA LEU A 146 -6.24 0.12 17.42
C LEU A 146 -5.17 -0.39 18.37
N HIS A 147 -4.20 0.48 18.71
CA HIS A 147 -3.13 0.00 19.59
C HIS A 147 -3.62 -0.09 21.00
N LEU A 148 -3.68 -1.30 21.56
CA LEU A 148 -4.15 -1.47 22.94
C LEU A 148 -3.02 -1.76 23.92
N GLY A 149 -1.79 -1.94 23.50
CA GLY A 149 -0.70 -2.26 24.42
C GLY A 149 -1.08 -3.49 25.24
N ASP A 150 -0.78 -3.51 26.53
CA ASP A 150 -1.24 -4.55 27.43
C ASP A 150 -2.49 -4.11 28.18
N SER A 151 -3.19 -3.08 27.70
CA SER A 151 -4.29 -2.55 28.53
C SER A 151 -5.49 -3.47 28.60
N PHE A 152 -5.62 -4.40 27.65
CA PHE A 152 -6.69 -5.39 27.68
C PHE A 152 -6.13 -6.81 27.81
N GLY A 153 -4.88 -6.98 28.19
CA GLY A 153 -4.29 -8.31 28.41
C GLY A 153 -3.42 -8.67 27.21
N GLU A 154 -2.62 -9.72 27.36
CA GLU A 154 -1.65 -10.14 26.37
C GLU A 154 -2.30 -10.58 25.05
N ALA A 155 -3.49 -11.16 25.08
CA ALA A 155 -4.18 -11.51 23.82
C ALA A 155 -4.36 -10.38 22.81
N TYR A 156 -4.45 -9.12 23.24
CA TYR A 156 -4.65 -7.99 22.35
C TYR A 156 -3.38 -7.19 22.10
N ALA A 157 -2.24 -7.75 22.52
CA ALA A 157 -1.00 -6.99 22.36
C ALA A 157 -0.61 -6.70 20.91
N GLN A 158 -1.16 -7.37 19.91
CA GLN A 158 -0.79 -7.13 18.51
C GLN A 158 -1.78 -6.21 17.82
N ALA A 159 -2.78 -5.73 18.56
CA ALA A 159 -3.94 -5.10 17.94
C ALA A 159 -3.57 -3.88 17.09
N GLY A 160 -2.48 -3.22 17.39
CA GLY A 160 -2.11 -1.99 16.66
C GLY A 160 -1.66 -2.26 15.25
N ASN A 161 -1.40 -3.53 14.91
CA ASN A 161 -0.88 -3.87 13.57
C ASN A 161 -1.68 -4.98 12.94
N LEU A 162 -2.93 -5.14 13.35
CA LEU A 162 -3.68 -6.25 12.73
C LEU A 162 -3.82 -6.11 11.22
N GLY A 163 -3.97 -4.93 10.63
CA GLY A 163 -4.16 -4.81 9.19
C GLY A 163 -2.91 -5.34 8.49
N ILE A 164 -1.72 -5.17 9.08
CA ILE A 164 -0.47 -5.71 8.52
C ILE A 164 -0.48 -7.22 8.65
N LEU A 165 -0.94 -7.79 9.76
CA LEU A 165 -1.02 -9.25 9.86
C LEU A 165 -2.00 -9.85 8.86
N ASP A 166 -3.06 -9.13 8.55
CA ASP A 166 -4.05 -9.55 7.55
C ASP A 166 -3.35 -9.67 6.20
N GLN A 167 -2.55 -8.66 5.87
CA GLN A 167 -1.84 -8.67 4.57
C GLN A 167 -0.91 -9.86 4.50
N VAL A 168 -0.18 -10.13 5.59
CA VAL A 168 0.71 -11.29 5.63
C VAL A 168 -0.09 -12.57 5.47
N ALA A 169 -1.25 -12.67 6.12
CA ALA A 169 -2.14 -13.84 5.99
C ALA A 169 -2.57 -14.06 4.54
N ALA A 170 -2.94 -13.00 3.83
CA ALA A 170 -3.32 -13.11 2.41
C ALA A 170 -2.14 -13.56 1.56
N LEU A 171 -0.96 -13.01 1.86
CA LEU A 171 0.24 -13.41 1.12
C LEU A 171 0.57 -14.86 1.40
N ARG A 172 0.41 -15.36 2.63
CA ARG A 172 0.57 -16.80 2.86
C ARG A 172 -0.45 -17.64 2.09
N TRP A 173 -1.69 -17.17 2.00
CA TRP A 173 -2.70 -17.90 1.24
C TRP A 173 -2.21 -18.01 -0.22
N VAL A 174 -1.76 -16.87 -0.74
CA VAL A 174 -1.32 -16.88 -2.16
C VAL A 174 -0.13 -17.79 -2.37
N LYS A 175 0.89 -17.74 -1.51
CA LYS A 175 2.03 -18.64 -1.67
C LYS A 175 1.59 -20.11 -1.65
N GLU A 176 0.58 -20.41 -0.80
CA GLU A 176 0.10 -21.79 -0.66
C GLU A 176 -0.81 -22.23 -1.81
N ASN A 177 -1.56 -21.32 -2.42
CA ASN A 177 -2.61 -21.73 -3.36
C ASN A 177 -2.49 -21.18 -4.77
N ILE A 178 -1.66 -20.20 -5.07
CA ILE A 178 -1.76 -19.52 -6.38
C ILE A 178 -1.35 -20.40 -7.54
N ALA A 179 -0.56 -21.43 -7.32
CA ALA A 179 -0.19 -22.30 -8.45
C ALA A 179 -1.40 -22.85 -9.21
N ALA A 180 -2.48 -23.10 -8.45
CA ALA A 180 -3.71 -23.66 -9.02
C ALA A 180 -4.41 -22.66 -9.96
N PHE A 181 -4.12 -21.39 -9.82
CA PHE A 181 -4.69 -20.31 -10.63
C PHE A 181 -3.75 -19.86 -11.74
N GLY A 182 -2.67 -20.63 -11.94
CA GLY A 182 -1.75 -20.29 -13.03
C GLY A 182 -0.56 -19.43 -12.62
N GLY A 183 -0.33 -19.26 -11.33
CA GLY A 183 0.71 -18.34 -10.87
C GLY A 183 1.91 -19.06 -10.30
N ASP A 184 3.03 -18.36 -10.24
CA ASP A 184 4.25 -18.93 -9.67
C ASP A 184 4.43 -18.46 -8.24
N PRO A 185 4.29 -19.30 -7.23
CA PRO A 185 4.42 -18.81 -5.84
C PRO A 185 5.84 -18.31 -5.55
N ASP A 186 6.80 -18.64 -6.42
CA ASP A 186 8.17 -18.19 -6.20
C ASP A 186 8.50 -16.94 -7.03
N ASN A 187 7.50 -16.40 -7.72
CA ASN A 187 7.65 -15.15 -8.44
C ASN A 187 6.54 -14.15 -8.07
N ILE A 188 6.35 -13.86 -6.79
CA ILE A 188 5.38 -12.85 -6.36
C ILE A 188 6.08 -11.51 -6.19
N THR A 189 5.44 -10.49 -6.78
CA THR A 189 5.83 -9.12 -6.53
C THR A 189 4.72 -8.43 -5.76
N ILE A 190 5.05 -7.89 -4.60
CA ILE A 190 4.03 -7.12 -3.84
C ILE A 190 4.13 -5.66 -4.26
N PHE A 191 2.99 -4.97 -4.38
CA PHE A 191 3.07 -3.53 -4.75
C PHE A 191 1.88 -2.81 -4.12
N GLY A 192 2.02 -1.49 -4.00
CA GLY A 192 0.95 -0.74 -3.37
C GLY A 192 1.23 0.76 -3.57
N GLU A 193 0.21 1.56 -3.33
CA GLU A 193 0.34 3.00 -3.43
C GLU A 193 -0.06 3.62 -2.08
N SER A 194 0.59 4.73 -1.75
CA SER A 194 0.25 5.48 -0.53
C SER A 194 0.30 4.57 0.69
N ALA A 195 -0.76 4.46 1.46
CA ALA A 195 -0.75 3.54 2.60
C ALA A 195 -0.44 2.11 2.17
N GLY A 196 -0.75 1.76 0.93
CA GLY A 196 -0.43 0.44 0.42
C GLY A 196 1.07 0.28 0.24
N ALA A 197 1.74 1.37 -0.13
CA ALA A 197 3.20 1.34 -0.30
C ALA A 197 3.83 1.35 1.08
N ALA A 198 3.19 2.05 2.02
CA ALA A 198 3.74 2.00 3.39
C ALA A 198 3.66 0.57 3.86
N SER A 199 2.53 -0.08 3.53
CA SER A 199 2.40 -1.50 3.87
C SER A 199 3.48 -2.36 3.25
N VAL A 200 3.76 -2.16 1.98
CA VAL A 200 4.86 -2.88 1.31
C VAL A 200 6.16 -2.58 2.04
N GLY A 201 6.38 -1.34 2.46
CA GLY A 201 7.64 -1.02 3.16
C GLY A 201 7.74 -1.76 4.49
N VAL A 202 6.63 -1.88 5.22
CA VAL A 202 6.59 -2.66 6.45
C VAL A 202 6.87 -4.12 6.18
N LEU A 203 6.27 -4.69 5.15
CA LEU A 203 6.39 -6.13 4.87
C LEU A 203 7.81 -6.47 4.47
N LEU A 204 8.44 -5.55 3.76
CA LEU A 204 9.85 -5.74 3.38
C LEU A 204 10.71 -5.93 4.63
N SER A 205 10.36 -5.33 5.74
CA SER A 205 11.14 -5.28 6.99
C SER A 205 10.86 -6.46 7.90
N LEU A 206 9.77 -7.16 7.67
CA LEU A 206 9.19 -8.09 8.61
C LEU A 206 9.74 -9.50 8.51
N PRO A 207 10.35 -9.97 9.57
CA PRO A 207 10.90 -11.33 9.56
C PRO A 207 9.86 -12.35 9.10
N GLU A 208 8.62 -12.22 9.57
CA GLU A 208 7.65 -13.30 9.34
C GLU A 208 7.07 -13.21 7.93
N ALA A 209 7.40 -12.16 7.19
CA ALA A 209 7.06 -12.16 5.76
C ALA A 209 8.22 -12.53 4.86
N SER A 210 9.44 -12.75 5.34
CA SER A 210 10.60 -12.96 4.49
C SER A 210 10.47 -14.27 3.71
N GLY A 211 10.73 -14.30 2.41
CA GLY A 211 10.57 -15.48 1.59
C GLY A 211 9.15 -15.61 1.05
N LEU A 212 8.17 -14.79 1.47
CA LEU A 212 6.85 -14.90 0.88
C LEU A 212 6.75 -14.19 -0.48
N PHE A 213 7.69 -13.32 -0.80
CA PHE A 213 7.61 -12.59 -2.05
C PHE A 213 9.04 -12.38 -2.56
N ARG A 214 9.15 -12.11 -3.85
CA ARG A 214 10.44 -12.00 -4.50
C ARG A 214 10.89 -10.58 -4.78
N ARG A 215 9.96 -9.67 -5.07
CA ARG A 215 10.25 -8.29 -5.43
C ARG A 215 9.20 -7.37 -4.83
N ALA A 216 9.43 -6.07 -4.82
CA ALA A 216 8.41 -5.16 -4.26
C ALA A 216 8.39 -3.86 -5.06
N MET A 217 7.24 -3.22 -5.18
CA MET A 217 7.11 -1.90 -5.84
C MET A 217 6.34 -1.00 -4.91
N LEU A 218 6.87 0.21 -4.73
CA LEU A 218 6.33 1.20 -3.76
C LEU A 218 5.99 2.49 -4.50
N GLN A 219 4.70 2.82 -4.66
CA GLN A 219 4.23 3.97 -5.41
C GLN A 219 3.84 5.06 -4.42
N SER A 220 4.63 6.13 -4.34
CA SER A 220 4.25 7.29 -3.52
C SER A 220 3.98 6.92 -2.08
N GLY A 221 4.89 6.12 -1.52
CA GLY A 221 4.92 5.83 -0.10
C GLY A 221 6.12 4.93 0.23
N SER A 222 6.37 4.82 1.53
CA SER A 222 7.49 4.06 2.04
C SER A 222 7.17 3.61 3.45
N GLY A 223 8.02 2.79 4.06
CA GLY A 223 7.80 2.36 5.43
C GLY A 223 7.64 3.50 6.42
N SER A 224 8.04 4.74 6.19
CA SER A 224 7.86 5.81 7.17
C SER A 224 6.45 6.37 7.19
N LEU A 225 5.73 6.15 6.10
CA LEU A 225 4.46 6.87 5.93
C LEU A 225 3.41 6.37 6.90
N LEU A 226 2.81 7.23 7.72
CA LEU A 226 1.72 6.91 8.65
C LEU A 226 2.20 6.03 9.78
N LEU A 227 3.50 5.89 9.96
CA LEU A 227 4.04 5.06 11.04
C LEU A 227 3.90 5.75 12.39
N ARG A 228 3.52 5.02 13.43
CA ARG A 228 3.30 5.58 14.75
C ARG A 228 4.24 4.98 15.80
N SER A 229 4.61 5.80 16.80
CA SER A 229 5.26 5.26 17.98
C SER A 229 4.19 4.74 18.94
N PRO A 230 4.56 3.88 19.86
CA PRO A 230 3.60 3.30 20.81
C PRO A 230 2.98 4.41 21.66
N GLU A 231 3.82 5.39 22.01
CA GLU A 231 3.33 6.46 22.89
C GLU A 231 2.22 7.25 22.17
N THR A 232 2.49 7.58 20.92
CA THR A 232 1.57 8.30 20.05
C THR A 232 0.31 7.48 19.82
N ALA A 233 0.43 6.20 19.47
CA ALA A 233 -0.73 5.35 19.23
C ALA A 233 -1.57 5.15 20.49
N MET A 234 -0.95 4.98 21.66
CA MET A 234 -1.75 4.78 22.87
C MET A 234 -2.60 6.00 23.20
N ALA A 235 -2.02 7.19 23.03
CA ALA A 235 -2.77 8.42 23.28
C ALA A 235 -3.99 8.49 22.38
N MET A 236 -3.84 8.15 21.10
CA MET A 236 -5.00 8.11 20.21
C MET A 236 -6.02 7.10 20.71
N THR A 237 -5.58 5.91 21.10
CA THR A 237 -6.51 4.89 21.58
C THR A 237 -7.32 5.35 22.78
N GLU A 238 -6.66 6.12 23.66
CA GLU A 238 -7.37 6.59 24.85
C GLU A 238 -8.54 7.49 24.47
N ARG A 239 -8.30 8.30 23.45
CA ARG A 239 -9.34 9.22 22.99
C ARG A 239 -10.49 8.49 22.31
N ILE A 240 -10.16 7.50 21.48
CA ILE A 240 -11.17 6.68 20.84
C ILE A 240 -11.98 5.88 21.85
N LEU A 241 -11.29 5.27 22.82
CA LEU A 241 -12.08 4.49 23.79
C LEU A 241 -13.00 5.41 24.59
N ASP A 242 -12.54 6.63 24.86
CA ASP A 242 -13.41 7.57 25.57
C ASP A 242 -14.70 7.82 24.78
N LYS A 243 -14.55 8.05 23.46
CA LYS A 243 -15.69 8.35 22.61
C LYS A 243 -16.63 7.16 22.47
N ALA A 244 -16.03 5.98 22.57
CA ALA A 244 -16.77 4.72 22.37
C ALA A 244 -17.45 4.31 23.66
N GLY A 245 -17.12 4.96 24.76
CA GLY A 245 -17.74 4.54 26.04
C GLY A 245 -17.16 3.22 26.52
N ILE A 246 -15.88 2.95 26.24
CA ILE A 246 -15.25 1.71 26.67
C ILE A 246 -14.21 2.05 27.74
N ARG A 247 -14.33 1.50 28.94
CA ARG A 247 -13.28 1.80 29.92
C ARG A 247 -12.01 1.00 29.62
N PRO A 248 -10.80 1.50 29.79
CA PRO A 248 -9.60 0.66 29.62
C PRO A 248 -9.68 -0.65 30.39
N GLY A 249 -9.56 -1.77 29.68
CA GLY A 249 -9.60 -3.07 30.34
C GLY A 249 -10.95 -3.77 30.29
N ASP A 250 -12.01 -3.12 29.87
CA ASP A 250 -13.33 -3.76 29.75
C ASP A 250 -13.43 -4.54 28.44
N ARG A 251 -13.02 -5.80 28.44
CA ARG A 251 -13.02 -6.63 27.24
C ARG A 251 -14.43 -6.98 26.77
N GLU A 252 -15.32 -7.05 27.77
CA GLU A 252 -16.72 -7.31 27.47
C GLU A 252 -17.26 -6.23 26.55
N ARG A 253 -17.01 -4.95 26.87
CA ARG A 253 -17.60 -3.93 26.00
C ARG A 253 -16.80 -3.79 24.72
N LEU A 254 -15.50 -4.03 24.77
CA LEU A 254 -14.64 -4.03 23.58
C LEU A 254 -15.17 -5.01 22.54
N LEU A 255 -15.64 -6.17 22.98
CA LEU A 255 -16.16 -7.13 22.01
C LEU A 255 -17.65 -6.97 21.79
N SER A 256 -18.41 -6.34 22.67
CA SER A 256 -19.83 -6.28 22.35
C SER A 256 -20.22 -4.97 21.69
N ILE A 257 -19.41 -3.94 21.72
CA ILE A 257 -19.89 -2.69 21.08
C ILE A 257 -20.15 -2.91 19.59
N PRO A 258 -21.28 -2.40 19.08
CA PRO A 258 -21.58 -2.51 17.65
C PRO A 258 -20.46 -1.94 16.80
N ALA A 259 -20.16 -2.62 15.71
CA ALA A 259 -19.07 -2.13 14.84
C ALA A 259 -19.34 -0.71 14.38
N GLU A 260 -20.61 -0.35 14.12
CA GLU A 260 -20.80 1.02 13.61
C GLU A 260 -20.58 2.07 14.70
N GLU A 261 -20.86 1.73 15.97
CA GLU A 261 -20.64 2.74 16.99
C GLU A 261 -19.15 2.93 17.20
N LEU A 262 -18.42 1.80 17.16
CA LEU A 262 -16.97 1.94 17.35
C LEU A 262 -16.37 2.76 16.24
N LEU A 263 -16.83 2.51 15.01
CA LEU A 263 -16.31 3.29 13.89
C LEU A 263 -16.68 4.76 14.03
N ARG A 264 -17.93 5.06 14.38
CA ARG A 264 -18.32 6.45 14.57
C ARG A 264 -17.48 7.18 15.61
N ALA A 265 -17.18 6.52 16.72
CA ALA A 265 -16.44 7.17 17.81
C ALA A 265 -15.08 7.67 17.35
N ALA A 266 -14.39 6.81 16.61
CA ALA A 266 -13.09 7.15 16.05
C ALA A 266 -13.15 8.34 15.10
N LEU A 267 -14.05 8.19 14.13
CA LEU A 267 -14.18 9.21 13.09
C LEU A 267 -14.62 10.54 13.70
N SER A 268 -15.22 10.49 14.90
CA SER A 268 -15.65 11.71 15.57
C SER A 268 -14.44 12.48 16.09
N LEU A 269 -13.23 11.92 15.96
CA LEU A 269 -12.08 12.72 16.35
C LEU A 269 -11.43 13.46 15.18
N GLY A 270 -11.90 13.23 13.96
CA GLY A 270 -11.27 13.87 12.81
C GLY A 270 -9.77 13.59 12.80
N PRO A 271 -8.97 14.63 12.68
CA PRO A 271 -7.56 14.63 12.24
C PRO A 271 -6.58 14.39 13.38
N GLY A 272 -7.12 14.50 14.60
CA GLY A 272 -6.41 14.21 15.84
C GLY A 272 -6.40 12.72 16.15
N VAL A 273 -6.31 11.95 15.09
CA VAL A 273 -6.30 10.52 14.98
C VAL A 273 -5.88 10.17 13.56
N MET A 274 -4.78 9.44 13.51
CA MET A 274 -4.43 8.91 12.20
C MET A 274 -4.09 7.47 12.48
N TYR A 275 -4.37 6.67 11.47
CA TYR A 275 -4.11 5.25 11.62
C TYR A 275 -2.87 4.83 10.86
N GLY A 276 -2.28 3.77 11.36
CA GLY A 276 -1.14 3.17 10.63
C GLY A 276 -0.38 2.23 11.58
N PRO A 277 0.60 1.58 11.01
CA PRO A 277 1.38 0.60 11.77
C PRO A 277 2.08 1.25 12.96
N VAL A 278 2.38 0.45 13.98
CA VAL A 278 2.95 0.93 15.22
C VAL A 278 4.23 0.17 15.51
N VAL A 279 5.31 0.84 15.80
CA VAL A 279 6.50 0.07 16.25
C VAL A 279 6.28 -0.32 17.70
N ASP A 280 5.57 -1.44 17.88
CA ASP A 280 5.04 -1.87 19.18
C ASP A 280 5.89 -2.91 19.89
N GLY A 281 6.94 -3.46 19.29
CA GLY A 281 7.73 -4.48 19.99
C GLY A 281 7.16 -5.88 19.78
N ARG A 282 6.07 -6.02 19.03
CA ARG A 282 5.47 -7.35 18.88
C ARG A 282 5.36 -7.70 17.40
N VAL A 283 4.60 -6.99 16.58
CA VAL A 283 4.66 -7.29 15.14
C VAL A 283 5.81 -6.52 14.52
N LEU A 284 5.93 -5.22 14.81
CA LEU A 284 6.99 -4.35 14.33
C LEU A 284 7.98 -4.09 15.48
N ARG A 285 9.17 -4.65 15.34
CA ARG A 285 10.10 -4.56 16.48
C ARG A 285 11.05 -3.40 16.28
N ARG A 286 11.09 -2.82 15.09
CA ARG A 286 11.92 -1.64 14.84
C ARG A 286 11.42 -0.91 13.61
N HIS A 287 11.90 0.33 13.42
CA HIS A 287 11.53 1.13 12.25
C HIS A 287 11.74 0.31 10.98
N PRO A 288 10.75 0.27 10.11
CA PRO A 288 10.84 -0.59 8.93
C PRO A 288 11.90 -0.12 7.96
N ILE A 289 12.27 1.17 7.93
CA ILE A 289 13.32 1.53 6.97
C ILE A 289 14.66 1.20 7.58
N GLU A 290 14.80 1.49 8.88
CA GLU A 290 16.09 1.24 9.52
C GLU A 290 16.41 -0.25 9.43
N ALA A 291 15.38 -1.10 9.46
CA ALA A 291 15.63 -2.54 9.40
C ALA A 291 16.30 -2.94 8.08
N LEU A 292 15.93 -2.24 7.01
CA LEU A 292 16.58 -2.56 5.74
C LEU A 292 18.08 -2.38 5.82
N ARG A 293 18.53 -1.46 6.68
CA ARG A 293 19.97 -1.22 6.69
C ARG A 293 20.71 -2.39 7.32
N TYR A 294 19.95 -3.19 8.07
CA TYR A 294 20.58 -4.34 8.73
C TYR A 294 20.34 -5.60 7.91
N GLY A 295 19.89 -5.42 6.66
CA GLY A 295 19.76 -6.48 5.68
C GLY A 295 18.49 -7.28 5.72
N ALA A 296 17.43 -6.73 6.32
CA ALA A 296 16.12 -7.38 6.39
C ALA A 296 15.62 -7.86 5.03
N ALA A 297 16.02 -7.15 3.98
CA ALA A 297 15.53 -7.42 2.62
C ALA A 297 16.66 -7.48 1.61
N SER A 298 17.79 -8.04 2.04
CA SER A 298 19.01 -7.99 1.25
C SER A 298 18.83 -8.56 -0.14
N GLY A 299 18.00 -9.57 -0.34
CA GLY A 299 17.99 -10.09 -1.73
C GLY A 299 16.81 -9.65 -2.56
N ILE A 300 16.17 -8.55 -2.13
CA ILE A 300 14.90 -8.18 -2.74
C ILE A 300 14.98 -6.93 -3.59
N PRO A 301 14.81 -7.01 -4.91
CA PRO A 301 14.86 -5.81 -5.74
C PRO A 301 13.59 -4.98 -5.54
N ILE A 302 13.74 -3.67 -5.72
CA ILE A 302 12.55 -2.82 -5.59
C ILE A 302 12.50 -1.79 -6.70
N LEU A 303 11.25 -1.40 -6.96
CA LEU A 303 10.98 -0.30 -7.87
C LEU A 303 10.19 0.69 -7.00
N ILE A 304 10.62 1.94 -6.96
CA ILE A 304 10.06 2.89 -6.02
C ILE A 304 10.01 4.29 -6.62
N GLY A 305 8.99 5.05 -6.28
CA GLY A 305 8.95 6.41 -6.85
C GLY A 305 7.91 7.27 -6.12
N VAL A 306 7.82 8.50 -6.61
CA VAL A 306 6.93 9.49 -6.02
C VAL A 306 6.27 10.30 -7.13
N THR A 307 5.12 10.83 -6.76
CA THR A 307 4.36 11.81 -7.51
C THR A 307 4.94 13.18 -7.25
N LYS A 308 5.35 13.92 -8.27
CA LYS A 308 5.88 15.25 -8.13
C LYS A 308 4.95 16.12 -7.29
N ASP A 309 5.58 16.77 -6.32
CA ASP A 309 4.86 17.81 -5.56
C ASP A 309 3.57 17.33 -4.93
N GLU A 310 3.54 16.07 -4.49
CA GLU A 310 2.28 15.47 -4.07
C GLU A 310 1.63 16.23 -2.92
N TYR A 311 2.38 16.86 -2.01
CA TYR A 311 1.65 17.51 -0.90
C TYR A 311 0.89 18.71 -1.39
N ASN A 312 1.14 19.21 -2.59
CA ASN A 312 0.28 20.35 -2.95
C ASN A 312 -1.14 19.84 -3.15
N LEU A 313 -1.22 18.55 -3.51
CA LEU A 313 -2.56 17.99 -3.75
C LEU A 313 -3.39 17.87 -2.48
N PHE A 314 -2.81 17.80 -1.29
CA PHE A 314 -3.50 17.68 -0.01
C PHE A 314 -4.30 18.90 0.41
N THR A 315 -4.10 20.00 -0.31
CA THR A 315 -4.88 21.18 0.01
C THR A 315 -6.30 20.96 -0.46
N LEU A 316 -6.52 19.96 -1.29
CA LEU A 316 -7.87 19.71 -1.79
C LEU A 316 -8.70 19.08 -0.68
N THR A 317 -8.04 18.22 0.09
CA THR A 317 -8.85 17.59 1.14
C THR A 317 -8.66 18.37 2.44
N ASP A 318 -7.61 19.21 2.46
CA ASP A 318 -7.37 20.08 3.60
C ASP A 318 -7.02 21.49 3.18
N PRO A 319 -7.98 22.30 2.77
CA PRO A 319 -7.70 23.68 2.36
C PRO A 319 -7.15 24.58 3.47
N SER A 320 -7.25 24.17 4.72
CA SER A 320 -6.80 25.03 5.83
C SER A 320 -5.33 25.42 5.65
N TRP A 321 -4.52 24.54 5.09
CA TRP A 321 -3.16 24.87 4.70
C TRP A 321 -3.10 26.20 3.94
N THR A 322 -4.09 26.46 3.08
CA THR A 322 -4.05 27.66 2.26
C THR A 322 -4.47 28.90 3.03
N LYS A 323 -5.05 28.75 4.22
CA LYS A 323 -5.60 29.96 4.84
C LYS A 323 -4.52 30.70 5.63
N LEU A 324 -3.64 29.97 6.25
CA LEU A 324 -2.56 30.34 7.13
C LEU A 324 -1.54 31.32 6.56
N GLY A 325 -1.08 32.29 7.35
CA GLY A 325 -0.06 33.23 6.89
C GLY A 325 1.30 32.55 6.96
N GLU A 326 2.34 33.19 6.42
CA GLU A 326 3.64 32.49 6.32
C GLU A 326 4.11 31.92 7.65
N LYS A 327 4.02 32.70 8.71
CA LYS A 327 4.49 32.36 10.06
C LYS A 327 3.71 31.19 10.65
N GLU A 328 2.38 31.29 10.62
CA GLU A 328 1.50 30.24 11.09
C GLU A 328 1.75 28.91 10.37
N LEU A 329 1.99 29.03 9.08
CA LEU A 329 2.26 27.97 8.13
C LEU A 329 3.45 27.14 8.55
N LEU A 330 4.56 27.85 8.68
CA LEU A 330 5.87 27.36 9.07
C LEU A 330 5.85 26.78 10.48
N ASP A 331 5.20 27.47 11.41
CA ASP A 331 5.05 26.86 12.73
C ASP A 331 4.27 25.55 12.61
N ARG A 332 3.22 25.46 11.79
CA ARG A 332 2.49 24.23 11.56
C ARG A 332 3.38 23.14 10.97
N ILE A 333 4.11 23.48 9.91
CA ILE A 333 4.94 22.47 9.24
C ILE A 333 5.96 21.96 10.24
N ASN A 334 6.53 22.86 11.03
CA ASN A 334 7.48 22.48 12.06
C ASN A 334 6.91 21.52 13.06
N ARG A 335 5.65 21.74 13.45
CA ARG A 335 5.07 20.84 14.44
C ARG A 335 4.86 19.44 13.86
N GLU A 336 4.38 19.36 12.62
CA GLU A 336 4.15 18.10 11.94
C GLU A 336 5.40 17.36 11.48
N VAL A 337 6.44 18.00 10.94
CA VAL A 337 7.55 17.26 10.36
C VAL A 337 8.91 17.88 10.70
N GLY A 338 8.96 18.74 11.69
CA GLY A 338 10.18 19.45 12.04
C GLY A 338 11.12 18.57 12.85
N PRO A 339 12.24 19.09 13.32
CA PRO A 339 12.64 20.48 13.06
C PRO A 339 13.22 20.64 11.65
N VAL A 340 13.08 21.86 11.16
CA VAL A 340 13.53 22.19 9.83
C VAL A 340 14.81 23.01 9.92
N PRO A 341 15.92 22.43 9.47
CA PRO A 341 17.21 23.14 9.62
C PRO A 341 17.20 24.44 8.84
N GLU A 342 18.07 25.38 9.18
CA GLU A 342 17.94 26.68 8.53
C GLU A 342 18.30 26.57 7.05
N GLU A 343 19.21 25.66 6.78
CA GLU A 343 19.78 25.44 5.45
C GLU A 343 18.67 24.94 4.53
N ALA A 344 17.73 24.19 5.10
CA ALA A 344 16.59 23.73 4.30
C ALA A 344 15.71 24.92 3.95
N ILE A 345 15.32 25.69 4.96
CA ILE A 345 14.53 26.91 4.76
C ILE A 345 15.16 27.73 3.64
N ARG A 346 16.49 27.88 3.71
CA ARG A 346 17.19 28.65 2.69
C ARG A 346 17.05 28.03 1.31
N TYR A 347 17.20 26.72 1.16
CA TYR A 347 16.98 26.12 -0.15
C TYR A 347 15.59 26.48 -0.64
N TYR A 348 14.63 26.33 0.29
CA TYR A 348 13.24 26.57 -0.09
C TYR A 348 12.99 28.06 -0.36
N TRP A 359 1.73 29.16 0.38
CA TRP A 359 1.68 27.80 0.86
C TRP A 359 2.41 26.87 -0.11
N GLN A 360 2.40 27.26 -1.39
CA GLN A 360 3.01 26.40 -2.42
C GLN A 360 4.49 26.17 -2.19
N THR A 361 5.23 27.22 -1.85
CA THR A 361 6.65 27.09 -1.58
C THR A 361 6.88 26.29 -0.30
N TRP A 362 6.25 26.66 0.81
CA TRP A 362 6.50 25.94 2.08
C TRP A 362 5.92 24.53 2.13
N LEU A 363 4.88 24.20 1.36
CA LEU A 363 4.38 22.82 1.42
C LEU A 363 5.37 21.89 0.74
N ARG A 364 6.36 22.43 0.03
CA ARG A 364 7.39 21.52 -0.48
C ARG A 364 8.10 20.79 0.65
N ILE A 365 8.18 21.41 1.82
CA ILE A 365 8.80 20.74 2.99
C ILE A 365 8.00 19.49 3.35
N MET A 366 6.68 19.60 3.34
CA MET A 366 5.85 18.43 3.61
C MET A 366 6.06 17.35 2.56
N THR A 367 6.10 17.69 1.26
CA THR A 367 6.40 16.69 0.25
C THR A 367 7.71 15.96 0.52
N TYR A 368 8.78 16.72 0.78
CA TYR A 368 10.06 16.09 1.06
C TYR A 368 10.00 15.22 2.30
N ARG A 369 9.50 15.69 3.43
CA ARG A 369 9.55 14.91 4.67
C ARG A 369 8.64 13.70 4.66
N VAL A 370 7.47 13.80 4.06
CA VAL A 370 6.52 12.68 4.10
C VAL A 370 6.78 11.64 3.02
N PHE A 371 7.21 12.08 1.83
CA PHE A 371 7.37 11.21 0.67
C PHE A 371 8.81 11.03 0.17
N VAL A 372 9.51 12.15 -0.09
CA VAL A 372 10.80 12.00 -0.75
C VAL A 372 11.81 11.40 0.19
N GLU A 373 11.96 11.84 1.43
CA GLU A 373 13.01 11.35 2.32
C GLU A 373 12.91 9.86 2.54
N GLY A 374 11.68 9.37 2.82
CA GLY A 374 11.57 7.93 3.07
C GLY A 374 11.90 7.12 1.82
N MET A 375 11.53 7.62 0.64
CA MET A 375 11.89 6.94 -0.62
C MET A 375 13.40 6.89 -0.77
N LEU A 376 14.10 8.01 -0.58
CA LEU A 376 15.57 8.01 -0.69
C LEU A 376 16.19 7.12 0.36
N ARG A 377 15.67 7.08 1.58
CA ARG A 377 16.30 6.24 2.61
C ARG A 377 16.14 4.75 2.28
N THR A 378 15.00 4.39 1.75
CA THR A 378 14.68 3.03 1.30
C THR A 378 15.57 2.59 0.16
N ALA A 379 15.71 3.46 -0.83
CA ALA A 379 16.56 3.20 -2.00
C ALA A 379 18.02 3.07 -1.62
N ASP A 380 18.51 3.98 -0.76
CA ASP A 380 19.87 3.93 -0.28
C ASP A 380 20.14 2.67 0.55
N ALA A 381 19.20 2.23 1.38
CA ALA A 381 19.39 1.01 2.15
C ALA A 381 19.48 -0.22 1.25
N GLN A 382 18.57 -0.33 0.29
CA GLN A 382 18.60 -1.51 -0.58
C GLN A 382 19.84 -1.47 -1.45
N ALA A 383 20.22 -0.30 -1.96
CA ALA A 383 21.42 -0.27 -2.79
C ALA A 383 22.64 -0.65 -1.97
N ALA A 384 22.66 -0.22 -0.72
CA ALA A 384 23.80 -0.60 0.11
C ALA A 384 23.81 -2.11 0.33
N GLN A 385 22.68 -2.78 0.13
CA GLN A 385 22.71 -4.23 0.34
C GLN A 385 23.05 -4.98 -0.96
N GLY A 386 23.24 -4.24 -2.04
CA GLY A 386 23.58 -4.77 -3.35
C GLY A 386 22.33 -5.16 -4.14
N ALA A 387 21.12 -4.83 -3.65
CA ALA A 387 19.90 -5.19 -4.36
C ALA A 387 19.62 -4.23 -5.50
N ASP A 388 18.98 -4.70 -6.56
CA ASP A 388 18.65 -3.72 -7.60
C ASP A 388 17.54 -2.79 -7.14
N VAL A 389 17.64 -1.52 -7.46
CA VAL A 389 16.69 -0.47 -7.14
C VAL A 389 16.44 0.32 -8.43
N TYR A 390 15.16 0.55 -8.74
CA TYR A 390 14.76 1.37 -9.86
C TYR A 390 13.91 2.51 -9.28
N MET A 391 14.33 3.75 -9.46
CA MET A 391 13.61 4.90 -8.90
C MET A 391 12.96 5.74 -9.98
N TYR A 392 11.80 6.30 -9.69
CA TYR A 392 11.10 7.15 -10.63
C TYR A 392 10.52 8.37 -9.92
N ARG A 393 10.23 9.37 -10.74
CA ARG A 393 9.40 10.50 -10.41
C ARG A 393 8.28 10.60 -11.46
N PHE A 394 7.03 10.73 -11.03
CA PHE A 394 5.91 10.89 -11.95
C PHE A 394 5.48 12.36 -12.05
N ASP A 395 5.73 12.99 -13.19
CA ASP A 395 5.58 14.42 -13.38
C ASP A 395 4.33 14.76 -14.19
N TYR A 396 3.67 13.75 -14.74
CA TYR A 396 2.55 14.01 -15.67
C TYR A 396 1.44 14.73 -14.94
N GLU A 397 0.97 15.85 -15.50
CA GLU A 397 -0.12 16.56 -14.83
C GLU A 397 -1.41 15.81 -15.20
N THR A 398 -2.15 15.41 -14.19
CA THR A 398 -3.39 14.65 -14.35
C THR A 398 -4.24 14.91 -13.12
N PRO A 399 -5.56 15.01 -13.25
CA PRO A 399 -6.36 15.55 -12.15
C PRO A 399 -6.48 14.58 -10.99
N VAL A 400 -6.44 15.07 -9.76
CA VAL A 400 -6.60 14.33 -8.52
C VAL A 400 -7.94 13.60 -8.49
N CYS A 408 -3.38 9.31 -0.54
CA CYS A 408 -2.65 10.53 -0.16
C CYS A 408 -2.41 11.42 -1.38
N HIS A 409 -3.10 11.10 -2.47
CA HIS A 409 -3.06 11.82 -3.72
C HIS A 409 -1.97 11.35 -4.66
N ALA A 410 -1.63 10.07 -4.60
CA ALA A 410 -0.71 9.49 -5.60
C ALA A 410 -1.40 9.51 -6.96
N LEU A 411 -0.72 9.80 -8.05
CA LEU A 411 -1.39 9.97 -9.33
C LEU A 411 -1.03 8.90 -10.38
N GLU A 412 -0.14 7.96 -10.07
CA GLU A 412 0.33 6.99 -11.05
C GLU A 412 -0.70 5.93 -11.42
N LEU A 413 -1.64 5.70 -10.49
CA LEU A 413 -2.38 4.44 -10.50
C LEU A 413 -3.06 4.05 -11.79
N PRO A 414 -3.87 4.89 -12.44
CA PRO A 414 -4.58 4.44 -13.64
C PRO A 414 -3.62 4.12 -14.78
N PHE A 415 -2.44 4.76 -14.78
CA PHE A 415 -1.48 4.48 -15.84
C PHE A 415 -0.77 3.15 -15.60
N VAL A 416 -0.39 2.92 -14.34
CA VAL A 416 0.24 1.67 -13.97
C VAL A 416 -0.71 0.49 -14.23
N PHE A 417 -1.99 0.57 -13.87
CA PHE A 417 -2.94 -0.53 -14.05
C PHE A 417 -3.51 -0.61 -15.48
N HIS A 418 -3.31 0.43 -16.28
CA HIS A 418 -3.97 0.61 -17.58
C HIS A 418 -5.49 0.50 -17.43
N ASN A 419 -5.97 1.27 -16.44
CA ASN A 419 -7.38 1.32 -16.04
C ASN A 419 -7.91 2.75 -16.22
N LEU A 420 -7.64 3.32 -17.39
CA LEU A 420 -8.04 4.69 -17.68
C LEU A 420 -9.54 4.81 -17.95
N HIS A 421 -10.17 3.69 -18.19
CA HIS A 421 -11.50 3.42 -18.66
C HIS A 421 -12.47 3.09 -17.52
N GLN A 422 -11.92 2.96 -16.31
CA GLN A 422 -12.73 2.57 -15.16
C GLN A 422 -13.48 3.72 -14.51
N PRO A 423 -14.55 3.34 -13.81
CA PRO A 423 -15.36 4.25 -13.00
C PRO A 423 -14.63 4.73 -11.74
N GLY A 424 -14.88 5.98 -11.34
CA GLY A 424 -14.10 6.47 -10.22
C GLY A 424 -12.76 7.04 -10.67
N VAL A 425 -12.34 6.68 -11.89
CA VAL A 425 -11.10 7.24 -12.42
C VAL A 425 -11.41 8.61 -13.00
N ALA A 426 -10.63 9.65 -12.72
CA ALA A 426 -10.85 10.97 -13.31
C ALA A 426 -10.53 10.95 -14.80
N ASN A 427 -11.37 10.24 -15.51
CA ASN A 427 -11.46 10.20 -16.96
C ASN A 427 -12.23 11.41 -17.50
N PHE A 428 -11.51 12.45 -17.89
CA PHE A 428 -12.07 13.64 -18.51
C PHE A 428 -11.55 13.81 -19.93
N VAL A 429 -12.28 14.56 -20.75
CA VAL A 429 -11.95 14.75 -22.17
C VAL A 429 -10.59 15.42 -22.32
N GLY A 430 -9.92 15.25 -23.46
CA GLY A 430 -8.62 15.86 -23.72
C GLY A 430 -7.47 14.89 -23.52
N ASN A 431 -6.33 15.09 -24.17
CA ASN A 431 -5.13 14.35 -23.82
C ASN A 431 -5.21 12.85 -24.10
N ARG A 432 -6.13 12.28 -24.87
CA ARG A 432 -6.23 10.81 -24.89
C ARG A 432 -4.96 10.12 -25.41
N PRO A 433 -4.42 10.50 -26.54
CA PRO A 433 -3.20 9.77 -27.00
C PRO A 433 -2.08 9.91 -25.98
N GLU A 434 -1.98 11.06 -25.34
CA GLU A 434 -0.91 11.32 -24.36
C GLU A 434 -1.07 10.36 -23.20
N ARG A 435 -2.31 10.28 -22.73
CA ARG A 435 -2.55 9.43 -21.54
C ARG A 435 -2.30 7.97 -21.83
N GLU A 436 -2.68 7.55 -23.03
CA GLU A 436 -2.44 6.19 -23.47
C GLU A 436 -0.95 5.89 -23.51
N ALA A 437 -0.20 6.88 -24.03
CA ALA A 437 1.23 6.67 -24.18
C ALA A 437 1.91 6.51 -22.82
N ILE A 438 1.51 7.32 -21.83
CA ILE A 438 2.19 7.16 -20.54
C ILE A 438 1.76 5.85 -19.88
N ALA A 439 0.51 5.46 -20.07
CA ALA A 439 0.05 4.16 -19.59
C ALA A 439 0.85 3.03 -20.23
N ASN A 440 1.10 3.16 -21.54
CA ASN A 440 1.91 2.12 -22.21
C ASN A 440 3.34 2.14 -21.67
N GLU A 441 3.94 3.23 -21.23
CA GLU A 441 5.27 3.17 -20.61
C GLU A 441 5.23 2.50 -19.24
N MET A 442 4.31 2.92 -18.37
CA MET A 442 4.33 2.50 -16.97
C MET A 442 3.78 1.07 -16.83
N HIS A 443 2.67 0.80 -17.50
CA HIS A 443 2.07 -0.53 -17.36
C HIS A 443 3.05 -1.63 -17.75
N TYR A 444 3.72 -1.40 -18.90
CA TYR A 444 4.63 -2.47 -19.36
C TYR A 444 5.93 -2.49 -18.59
N ALA A 445 6.38 -1.38 -18.00
CA ALA A 445 7.55 -1.39 -17.13
C ALA A 445 7.27 -2.16 -15.83
N TRP A 446 6.09 -1.96 -15.27
CA TRP A 446 5.71 -2.64 -14.04
C TRP A 446 5.60 -4.15 -14.31
N LEU A 447 5.01 -4.50 -15.45
CA LEU A 447 4.92 -5.91 -15.88
C LEU A 447 6.31 -6.50 -16.11
N SER A 448 7.21 -5.75 -16.74
CA SER A 448 8.57 -6.29 -16.94
C SER A 448 9.32 -6.51 -15.64
N PHE A 449 9.12 -5.58 -14.70
CA PHE A 449 9.75 -5.70 -13.38
C PHE A 449 9.17 -6.91 -12.67
N ALA A 450 7.84 -7.07 -12.70
CA ALA A 450 7.28 -8.26 -12.05
C ALA A 450 7.78 -9.55 -12.69
N ARG A 451 7.98 -9.55 -14.00
CA ARG A 451 8.37 -10.76 -14.71
C ARG A 451 9.84 -11.10 -14.49
N THR A 452 10.73 -10.10 -14.49
CA THR A 452 12.17 -10.34 -14.61
C THR A 452 13.01 -9.57 -13.61
N GLY A 453 12.42 -8.56 -12.95
CA GLY A 453 13.20 -7.75 -12.02
C GLY A 453 13.90 -6.61 -12.71
N ASP A 454 13.47 -6.33 -13.93
CA ASP A 454 14.02 -5.19 -14.65
C ASP A 454 12.91 -4.53 -15.46
N PRO A 455 12.70 -3.22 -15.26
CA PRO A 455 11.58 -2.57 -15.94
C PRO A 455 11.89 -2.22 -17.40
N ASN A 456 13.10 -2.49 -17.87
CA ASN A 456 13.49 -2.00 -19.20
C ASN A 456 12.91 -2.77 -20.38
N GLY A 457 12.92 -2.08 -21.52
CA GLY A 457 12.46 -2.63 -22.78
C GLY A 457 11.99 -1.56 -23.75
N ALA A 458 11.50 -2.01 -24.89
CA ALA A 458 11.19 -1.04 -25.95
C ALA A 458 9.98 -0.18 -25.65
N HIS A 459 9.25 -0.48 -24.58
CA HIS A 459 8.15 0.35 -24.16
C HIS A 459 8.63 1.67 -23.55
N LEU A 460 9.91 1.84 -23.29
CA LEU A 460 10.47 3.06 -22.70
C LEU A 460 11.27 3.83 -23.75
N PRO A 461 11.19 5.15 -23.80
CA PRO A 461 11.91 5.93 -24.82
C PRO A 461 13.42 5.93 -24.60
N GLU A 462 13.86 5.54 -23.43
CA GLU A 462 15.30 5.39 -23.24
C GLU A 462 15.55 4.47 -22.07
N ALA A 463 16.78 4.01 -21.90
CA ALA A 463 16.95 3.04 -20.81
C ALA A 463 16.78 3.64 -19.43
N TRP A 464 16.32 2.86 -18.49
CA TRP A 464 16.14 3.19 -17.08
C TRP A 464 17.28 2.51 -16.33
N PRO A 465 18.30 3.26 -15.96
CA PRO A 465 19.41 2.67 -15.22
C PRO A 465 19.00 2.38 -13.78
N ALA A 466 19.56 1.34 -13.18
CA ALA A 466 19.34 1.10 -11.75
C ALA A 466 19.90 2.24 -10.91
N TYR A 467 19.23 2.57 -9.82
CA TYR A 467 19.72 3.50 -8.83
C TYR A 467 20.90 2.94 -8.05
N THR A 468 22.08 3.54 -8.08
CA THR A 468 23.23 3.12 -7.31
C THR A 468 23.78 4.31 -6.55
N ASN A 469 24.55 4.14 -5.49
CA ASN A 469 25.03 5.32 -4.77
C ASN A 469 25.82 6.28 -5.67
N GLU A 470 26.46 5.66 -6.64
CA GLU A 470 27.33 6.19 -7.66
C GLU A 470 26.68 7.23 -8.55
N ARG A 471 25.48 7.00 -9.06
CA ARG A 471 24.89 7.96 -10.00
C ARG A 471 23.55 8.50 -9.50
N LYS A 472 22.85 7.68 -8.74
CA LYS A 472 21.51 8.04 -8.24
C LYS A 472 20.58 8.42 -9.37
N ALA A 473 20.58 7.62 -10.43
CA ALA A 473 19.67 7.83 -11.56
C ALA A 473 18.21 7.57 -11.20
N ALA A 474 17.32 8.34 -11.82
CA ALA A 474 15.89 8.13 -11.68
C ALA A 474 15.19 8.30 -13.03
N PHE A 475 14.14 7.52 -13.24
CA PHE A 475 13.36 7.75 -14.46
C PHE A 475 12.21 8.71 -14.21
N VAL A 476 12.03 9.66 -15.12
CA VAL A 476 10.96 10.63 -15.00
C VAL A 476 9.86 10.38 -16.04
N PHE A 477 8.68 10.01 -15.54
CA PHE A 477 7.51 9.76 -16.36
C PHE A 477 6.77 11.08 -16.57
N SER A 478 6.65 11.44 -17.84
CA SER A 478 6.00 12.66 -18.28
C SER A 478 5.60 12.54 -19.76
N ALA A 479 5.11 13.65 -20.31
CA ALA A 479 4.78 13.79 -21.72
C ALA A 479 5.98 13.45 -22.60
N ALA A 480 7.18 13.57 -22.09
CA ALA A 480 8.46 13.21 -22.68
C ALA A 480 9.38 12.59 -21.63
N SER A 481 9.13 11.34 -21.30
CA SER A 481 9.84 10.62 -20.25
C SER A 481 11.34 10.57 -20.49
N HIS A 482 12.13 10.62 -19.41
CA HIS A 482 13.57 10.66 -19.55
C HIS A 482 14.25 10.41 -18.21
N VAL A 483 15.57 10.24 -18.28
CA VAL A 483 16.38 9.96 -17.10
C VAL A 483 17.03 11.23 -16.57
N GLU A 484 17.01 11.34 -15.25
CA GLU A 484 17.71 12.44 -14.57
C GLU A 484 18.69 11.83 -13.56
N ASP A 485 19.83 12.48 -13.40
CA ASP A 485 20.81 12.03 -12.41
C ASP A 485 20.61 12.80 -11.11
N ASP A 486 20.41 12.05 -10.04
CA ASP A 486 20.25 12.55 -8.68
C ASP A 486 19.32 13.76 -8.62
N PRO A 487 18.09 13.65 -9.13
CA PRO A 487 17.21 14.83 -9.22
C PRO A 487 16.86 15.39 -7.85
N PHE A 488 16.93 14.57 -6.81
CA PHE A 488 16.55 15.01 -5.46
C PHE A 488 17.74 15.48 -4.62
N GLY A 489 18.92 15.50 -5.20
CA GLY A 489 20.16 15.70 -4.48
C GLY A 489 20.36 17.02 -3.79
N ARG A 490 20.01 18.07 -4.54
CA ARG A 490 20.15 19.44 -4.03
C ARG A 490 19.30 19.62 -2.78
N GLU A 491 18.04 19.23 -2.88
CA GLU A 491 17.12 19.29 -1.76
C GLU A 491 17.65 18.45 -0.61
N ARG A 492 17.98 17.19 -0.91
CA ARG A 492 18.48 16.29 0.11
C ARG A 492 19.71 16.89 0.76
N ALA A 493 20.59 17.52 0.00
CA ALA A 493 21.79 18.06 0.69
C ALA A 493 21.41 19.22 1.59
N ALA A 494 20.36 19.96 1.23
CA ALA A 494 19.97 21.09 2.06
C ALA A 494 19.59 20.62 3.46
N TRP A 495 19.09 19.39 3.52
CA TRP A 495 18.58 18.84 4.76
C TRP A 495 19.61 18.08 5.59
N GLN A 496 20.42 17.29 4.89
CA GLN A 496 21.28 16.27 5.46
C GLN A 496 22.76 16.66 5.38
I IOD B . 8.90 15.49 -5.71
C1 GOL C . -3.39 -19.88 4.48
O1 GOL C . -3.76 -17.91 6.43
C2 GOL C . -2.74 -20.18 5.14
O2 GOL C . -2.19 -19.48 5.81
C3 GOL C . -1.68 -20.77 4.05
O3 GOL C . 0.71 -21.19 5.44
C1 GOL D . -8.24 3.57 -22.56
O1 GOL D . -8.15 2.87 -23.20
C2 GOL D . -8.11 4.74 -23.10
O2 GOL D . -7.48 5.22 -24.37
C3 GOL D . -7.24 5.99 -22.97
O3 GOL D . -6.72 7.76 -22.57
#